data_3LDX
#
_entry.id   3LDX
#
_cell.length_a   71.099
_cell.length_b   72.008
_cell.length_c   73.412
_cell.angle_alpha   90.00
_cell.angle_beta   101.06
_cell.angle_gamma   90.00
#
_symmetry.space_group_name_H-M   'C 1 2 1'
#
loop_
_entity.id
_entity.type
_entity.pdbx_description
1 polymer 'Thrombin light chain'
2 polymer 'Thrombin heavy chain'
3 polymer 'Hirudin variant-1'
4 non-polymer N-[2-(carbamimidamidooxy)ethyl]-2-{3-[(2,2-difluoro-2-phenylethyl)amino]-6-methyl-2-oxopyrazin-1(2H)-yl}acetamide
5 water water
#
loop_
_entity_poly.entity_id
_entity_poly.type
_entity_poly.pdbx_seq_one_letter_code
_entity_poly.pdbx_strand_id
1 'polypeptide(L)' TFGSGEADCGLRPLFEKKSLEDKTERELLESYIDGR L
2 'polypeptide(L)'
;IVEGSDAEIGMSPWQVMLFRKSPQELLCGASLISDRWVLTAAHCLLYPPWDKNFTENDLLVRIGKHSRTRYERNIEKISM
LEKIYIHPRYNWRENLDRDIALMKLKKPVAFSDYIHPVCLPDRETAASLLQAGYKGRVTGWGNLKETWTANVGKGQPSVL
QVVNLPIVERPVCKDSTRIRITDNMFCAGYKPDEGKRGDACEGDSGGPFVMKSPFNNRWYQMGIVSWGEGCDRDGKYGFY
THVFRLKKWIQKVIDQFGE
;
H
3 'polypeptide(L)' DFEEIPEEYLQ I
#
loop_
_chem_comp.id
_chem_comp.type
_chem_comp.name
_chem_comp.formula
NLI non-polymer N-[2-(carbamimidamidooxy)ethyl]-2-{3-[(2,2-difluoro-2-phenylethyl)amino]-6-methyl-2-oxopyrazin-1(2H)-yl}acetamide 'C18 H23 F2 N7 O3'
#
# COMPACT_ATOMS: atom_id res chain seq x y z
N ALA A 7 -6.24 14.88 9.77
CA ALA A 7 -6.16 15.65 11.05
C ALA A 7 -5.95 14.73 12.25
N ASP A 8 -6.67 13.61 12.22
CA ASP A 8 -6.44 12.53 13.16
C ASP A 8 -5.60 11.41 12.49
N CYS A 9 -5.05 11.70 11.31
CA CYS A 9 -4.37 10.67 10.53
C CYS A 9 -3.24 9.97 11.26
N GLY A 10 -3.13 8.67 11.00
CA GLY A 10 -1.97 7.89 11.36
C GLY A 10 -1.93 7.55 12.84
N LEU A 11 -3.05 7.76 13.54
CA LEU A 11 -3.15 7.36 14.93
C LEU A 11 -4.21 6.30 15.04
N ARG A 12 -3.79 5.05 15.28
CA ARG A 12 -4.71 3.91 15.25
C ARG A 12 -5.57 3.81 16.50
N PRO A 13 -6.89 3.71 16.31
CA PRO A 13 -7.84 3.53 17.43
C PRO A 13 -7.41 2.43 18.41
N LEU A 14 -6.91 1.30 17.93
CA LEU A 14 -6.55 0.20 18.83
C LEU A 14 -5.10 0.17 19.29
N PHE A 15 -4.29 1.14 18.88
CA PHE A 15 -2.91 1.20 19.37
C PHE A 15 -2.52 2.57 19.91
N GLU A 16 -2.06 3.50 19.07
CA GLU A 16 -1.66 4.84 19.53
C GLU A 16 -2.71 5.46 20.45
N LYS A 17 -3.98 5.43 20.04
CA LYS A 17 -5.03 6.05 20.83
C LYS A 17 -5.19 5.45 22.23
N LYS A 18 -4.75 4.21 22.43
CA LYS A 18 -4.85 3.54 23.74
C LYS A 18 -3.49 3.45 24.39
N SER A 19 -2.50 4.08 23.76
CA SER A 19 -1.12 3.83 24.11
C SER A 19 -0.74 2.34 24.21
N LEU A 20 -1.22 1.51 23.29
CA LEU A 20 -0.68 0.15 23.18
C LEU A 20 0.20 0.07 21.95
N GLU A 21 1.25 -0.74 22.00
CA GLU A 21 2.15 -0.90 20.87
C GLU A 21 1.91 -2.23 20.20
N ASP A 22 1.97 -2.27 18.88
CA ASP A 22 1.89 -3.55 18.15
C ASP A 22 3.19 -4.38 18.30
N LYS A 23 3.17 -5.63 17.86
CA LYS A 23 4.22 -6.56 18.23
C LYS A 23 5.58 -6.20 17.61
N THR A 24 5.61 -5.47 16.50
CA THR A 24 6.91 -5.24 15.87
C THR A 24 7.21 -3.81 15.56
N GLU A 25 6.45 -2.86 16.09
CA GLU A 25 6.75 -1.46 15.77
C GLU A 25 8.09 -1.02 16.34
N ARG A 26 8.50 -1.62 17.46
CA ARG A 26 9.82 -1.37 18.05
C ARG A 26 10.92 -1.49 17.01
N GLU A 27 10.81 -2.48 16.13
CA GLU A 27 11.85 -2.74 15.13
C GLU A 27 12.03 -1.53 14.22
N LEU A 28 10.93 -0.86 13.91
CA LEU A 28 11.01 0.35 13.09
C LEU A 28 11.71 1.47 13.85
N LEU A 29 11.24 1.76 15.06
CA LEU A 29 11.75 2.90 15.80
C LEU A 29 13.23 2.71 16.09
N GLU A 30 13.64 1.46 16.31
CA GLU A 30 15.03 1.20 16.59
C GLU A 30 15.96 1.46 15.41
N SER A 31 15.47 1.33 14.19
CA SER A 31 16.34 1.49 13.04
C SER A 31 16.53 2.97 12.75
N TYR A 32 15.78 3.81 13.46
CA TYR A 32 15.84 5.24 13.20
C TYR A 32 16.95 5.90 14.01
N ILE B 1 2.82 -10.88 0.22
CA ILE B 1 3.99 -10.66 1.11
C ILE B 1 4.73 -11.98 1.33
N VAL B 2 6.05 -11.98 1.15
CA VAL B 2 6.87 -13.18 1.30
C VAL B 2 7.70 -13.04 2.57
N GLU B 3 7.67 -14.08 3.41
CA GLU B 3 8.33 -14.09 4.73
C GLU B 3 7.77 -13.04 5.70
N GLY B 4 6.48 -12.76 5.61
CA GLY B 4 5.86 -11.84 6.52
C GLY B 4 5.24 -12.60 7.68
N SER B 5 4.33 -11.92 8.38
CA SER B 5 3.62 -12.50 9.51
C SER B 5 2.18 -12.07 9.37
N ASP B 6 1.28 -12.76 10.07
CA ASP B 6 -0.11 -12.31 10.18
C ASP B 6 -0.14 -10.94 10.86
N ALA B 7 -0.79 -9.96 10.25
CA ALA B 7 -1.09 -8.72 10.97
C ALA B 7 -1.90 -9.01 12.23
N GLU B 8 -1.88 -8.03 13.14
CA GLU B 8 -2.80 -7.96 14.27
C GLU B 8 -4.05 -7.18 13.86
N ILE B 9 -5.19 -7.49 14.47
CA ILE B 9 -6.42 -6.74 14.22
C ILE B 9 -6.16 -5.24 14.49
N GLY B 10 -6.60 -4.36 13.61
CA GLY B 10 -6.46 -2.93 13.84
C GLY B 10 -5.06 -2.38 13.56
N MET B 11 -4.14 -3.24 13.13
CA MET B 11 -2.76 -2.88 12.88
C MET B 11 -2.59 -1.90 11.72
N SER B 12 -3.43 -2.02 10.70
CA SER B 12 -3.33 -1.17 9.50
C SER B 12 -4.73 -0.78 9.09
N PRO B 13 -5.33 0.13 9.84
CA PRO B 13 -6.75 0.43 9.57
C PRO B 13 -6.92 1.29 8.30
N TRP B 14 -5.80 1.68 7.68
CA TRP B 14 -5.84 2.35 6.39
C TRP B 14 -5.77 1.39 5.19
N GLN B 15 -5.53 0.10 5.46
CA GLN B 15 -5.33 -0.86 4.37
C GLN B 15 -6.63 -1.02 3.60
N VAL B 16 -6.54 -0.92 2.29
CA VAL B 16 -7.72 -1.09 1.45
C VAL B 16 -7.50 -2.26 0.48
N MET B 17 -8.57 -3.00 0.21
CA MET B 17 -8.55 -4.05 -0.82
C MET B 17 -9.31 -3.63 -2.08
N LEU B 18 -8.63 -3.62 -3.23
CA LEU B 18 -9.35 -3.43 -4.48
C LEU B 18 -9.91 -4.77 -4.90
N PHE B 19 -11.21 -4.81 -5.15
CA PHE B 19 -11.89 -6.06 -5.40
C PHE B 19 -12.63 -6.00 -6.73
N ARG B 20 -12.39 -6.99 -7.58
CA ARG B 20 -13.02 -7.06 -8.89
C ARG B 20 -14.45 -7.58 -8.78
N LYS B 21 -15.38 -6.97 -9.52
CA LYS B 21 -16.77 -7.38 -9.44
C LYS B 21 -16.96 -8.77 -10.03
N SER B 22 -16.52 -8.96 -11.27
CA SER B 22 -16.67 -10.25 -11.95
C SER B 22 -15.59 -10.51 -12.97
N PRO B 23 -14.87 -11.63 -12.81
CA PRO B 23 -15.08 -12.52 -11.67
C PRO B 23 -14.81 -11.76 -10.36
N GLN B 24 -15.25 -12.30 -9.23
CA GLN B 24 -15.01 -11.66 -7.94
C GLN B 24 -13.63 -12.09 -7.54
N GLU B 25 -12.67 -11.16 -7.52
CA GLU B 25 -11.31 -11.50 -7.13
C GLU B 25 -10.49 -10.30 -6.59
N LEU B 26 -9.36 -10.61 -5.99
CA LEU B 26 -8.50 -9.61 -5.38
C LEU B 26 -7.70 -8.95 -6.48
N LEU B 27 -7.84 -7.65 -6.68
CA LEU B 27 -6.98 -6.94 -7.65
C LEU B 27 -5.67 -6.44 -7.05
N CYS B 28 -5.74 -5.74 -5.93
CA CYS B 28 -4.57 -5.01 -5.44
C CYS B 28 -4.82 -4.56 -4.04
N GLY B 29 -3.80 -4.03 -3.40
CA GLY B 29 -3.98 -3.24 -2.19
C GLY B 29 -4.13 -1.77 -2.53
N ALA B 30 -4.44 -0.97 -1.51
CA ALA B 30 -4.58 0.45 -1.66
C ALA B 30 -4.61 1.01 -0.23
N SER B 31 -4.82 2.31 -0.07
CA SER B 31 -4.77 2.89 1.27
C SER B 31 -5.75 4.04 1.43
N LEU B 32 -6.30 4.18 2.62
CA LEU B 32 -7.30 5.20 2.85
C LEU B 32 -6.57 6.43 3.39
N ILE B 33 -6.65 7.54 2.66
CA ILE B 33 -5.96 8.75 3.08
C ILE B 33 -6.96 9.83 3.52
N SER B 34 -8.26 9.58 3.35
CA SER B 34 -9.29 10.45 3.95
C SER B 34 -10.62 9.74 3.88
N ASP B 35 -11.72 10.42 4.24
CA ASP B 35 -13.05 9.77 4.21
C ASP B 35 -13.55 9.42 2.80
N ARG B 36 -12.95 10.07 1.81
CA ARG B 36 -13.45 10.04 0.44
C ARG B 36 -12.40 9.60 -0.60
N TRP B 37 -11.14 9.45 -0.20
CA TRP B 37 -10.04 9.22 -1.15
C TRP B 37 -9.16 8.00 -0.83
N VAL B 38 -8.84 7.26 -1.89
CA VAL B 38 -8.03 6.05 -1.77
C VAL B 38 -6.83 6.17 -2.70
N LEU B 39 -5.66 5.77 -2.21
CA LEU B 39 -4.43 5.89 -2.95
C LEU B 39 -3.98 4.48 -3.35
N THR B 40 -3.57 4.28 -4.60
CA THR B 40 -3.11 2.97 -5.06
C THR B 40 -2.10 3.10 -6.20
N ALA B 41 -1.64 1.98 -6.74
CA ALA B 41 -0.73 2.03 -7.89
C ALA B 41 -1.51 2.09 -9.19
N ALA B 42 -1.05 2.96 -10.10
CA ALA B 42 -1.65 3.08 -11.45
C ALA B 42 -1.65 1.72 -12.20
N HIS B 43 -0.58 0.96 -12.02
CA HIS B 43 -0.51 -0.30 -12.74
C HIS B 43 -1.61 -1.28 -12.28
N CYS B 44 -2.26 -1.00 -11.14
CA CYS B 44 -3.40 -1.80 -10.68
C CYS B 44 -4.61 -1.56 -11.56
N LEU B 45 -4.71 -0.35 -12.13
CA LEU B 45 -5.86 0.00 -12.97
C LEU B 45 -5.54 -0.07 -14.46
N LEU B 46 -4.31 0.29 -14.82
CA LEU B 46 -3.96 0.45 -16.21
C LEU B 46 -2.60 -0.13 -16.52
N TYR B 47 -2.61 -1.15 -17.37
CA TYR B 47 -1.38 -1.79 -17.82
C TYR B 47 -1.62 -2.54 -19.11
N PRO B 48 -1.63 -1.81 -20.23
CA PRO B 48 -1.96 -2.32 -21.57
C PRO B 48 -1.13 -3.55 -21.99
N PRO B 49 0.12 -3.64 -21.57
CA PRO B 49 0.81 -4.86 -21.99
C PRO B 49 0.15 -6.16 -21.51
N TRP B 50 -0.65 -6.09 -20.44
CA TRP B 50 -1.42 -7.27 -20.00
C TRP B 50 -2.91 -7.08 -20.25
N ASP B 51 -3.26 -6.19 -21.17
CA ASP B 51 -4.66 -5.88 -21.46
C ASP B 51 -5.45 -5.48 -20.20
N LYS B 52 -4.78 -4.81 -19.28
CA LYS B 52 -5.46 -4.37 -18.07
C LYS B 52 -5.90 -2.91 -18.26
N ASN B 53 -7.19 -2.65 -18.14
CA ASN B 53 -7.71 -1.30 -18.31
C ASN B 53 -9.08 -1.15 -17.62
N PHE B 54 -9.05 -1.20 -16.29
CA PHE B 54 -10.27 -1.15 -15.49
C PHE B 54 -10.82 0.27 -15.34
N THR B 55 -12.15 0.34 -15.25
CA THR B 55 -12.84 1.60 -15.00
C THR B 55 -13.63 1.55 -13.69
N GLU B 56 -14.23 2.67 -13.34
CA GLU B 56 -14.95 2.89 -12.10
C GLU B 56 -15.92 1.77 -11.79
N ASN B 57 -16.63 1.31 -12.81
CA ASN B 57 -17.68 0.33 -12.59
C ASN B 57 -17.24 -1.12 -12.54
N ASP B 58 -15.95 -1.38 -12.72
CA ASP B 58 -15.45 -2.76 -12.68
C ASP B 58 -15.06 -3.17 -11.27
N LEU B 59 -14.91 -2.17 -10.40
CA LEU B 59 -14.26 -2.40 -9.10
C LEU B 59 -15.09 -1.97 -7.91
N LEU B 60 -14.76 -2.57 -6.78
CA LEU B 60 -15.23 -2.21 -5.46
C LEU B 60 -14.00 -2.06 -4.57
N VAL B 61 -14.02 -1.12 -3.62
CA VAL B 61 -13.02 -1.11 -2.54
C VAL B 61 -13.61 -1.68 -1.25
N ARG B 62 -12.81 -2.47 -0.52
CA ARG B 62 -13.22 -3.07 0.73
C ARG B 62 -12.28 -2.62 1.85
N ILE B 63 -12.86 -1.92 2.82
CA ILE B 63 -12.12 -1.20 3.84
C ILE B 63 -12.42 -1.88 5.19
N GLY B 64 -11.38 -2.09 6.00
CA GLY B 64 -11.57 -2.54 7.36
C GLY B 64 -11.31 -4.01 7.56
N LYS B 65 -10.68 -4.62 6.56
CA LYS B 65 -10.61 -6.08 6.49
C LYS B 65 -9.39 -6.65 7.18
N HIS B 66 -9.55 -7.92 7.56
CA HIS B 66 -8.46 -8.73 8.07
C HIS B 66 -8.33 -10.01 7.25
N SER B 67 -9.43 -10.74 7.14
CA SER B 67 -9.47 -11.96 6.36
C SER B 67 -9.45 -11.65 4.85
N ARG B 68 -8.63 -12.38 4.10
CA ARG B 68 -8.60 -12.21 2.65
C ARG B 68 -9.93 -12.53 1.96
N THR B 69 -10.63 -13.57 2.40
CA THR B 69 -11.78 -14.08 1.64
C THR B 69 -13.18 -14.02 2.27
N ARG B 70 -13.26 -13.98 3.59
CA ARG B 70 -14.55 -13.87 4.27
C ARG B 70 -15.21 -12.50 4.00
N TYR B 71 -16.54 -12.44 4.02
CA TYR B 71 -17.21 -11.14 4.08
C TYR B 71 -17.39 -10.76 5.55
N GLU B 72 -16.64 -9.77 6.03
CA GLU B 72 -16.51 -9.56 7.46
C GLU B 72 -17.61 -8.68 7.97
N ARG B 73 -18.76 -9.33 8.16
CA ARG B 73 -20.03 -8.68 8.36
C ARG B 73 -19.91 -7.84 9.61
N ASN B 74 -20.48 -6.64 9.56
CA ASN B 74 -20.43 -5.68 10.67
C ASN B 74 -19.07 -5.04 10.88
N ILE B 75 -18.11 -5.32 10.02
CA ILE B 75 -16.75 -4.84 10.23
C ILE B 75 -16.25 -4.13 8.98
N GLU B 76 -16.17 -4.85 7.90
CA GLU B 76 -15.80 -4.22 6.65
C GLU B 76 -16.88 -3.32 6.05
N LYS B 77 -16.42 -2.25 5.40
CA LYS B 77 -17.26 -1.43 4.56
C LYS B 77 -16.87 -1.64 3.08
N ILE B 78 -17.86 -1.74 2.22
CA ILE B 78 -17.61 -1.94 0.80
C ILE B 78 -18.09 -0.69 0.12
N SER B 79 -17.26 -0.10 -0.73
CA SER B 79 -17.61 1.16 -1.36
C SER B 79 -17.48 1.07 -2.86
N MET B 80 -18.22 1.93 -3.54
CA MET B 80 -18.17 2.02 -4.98
C MET B 80 -17.38 3.25 -5.33
N LEU B 81 -16.90 3.31 -6.57
CA LEU B 81 -16.08 4.40 -7.01
C LEU B 81 -16.84 5.42 -7.82
N GLU B 82 -16.64 6.70 -7.51
CA GLU B 82 -17.18 7.77 -8.34
C GLU B 82 -16.23 8.11 -9.47
N LYS B 83 -14.93 8.10 -9.21
CA LYS B 83 -13.96 8.45 -10.26
C LYS B 83 -12.55 7.94 -9.99
N ILE B 84 -11.83 7.65 -11.06
CA ILE B 84 -10.45 7.20 -10.98
C ILE B 84 -9.55 8.19 -11.66
N TYR B 85 -8.42 8.50 -11.03
CA TYR B 85 -7.45 9.42 -11.61
C TYR B 85 -6.11 8.74 -11.68
N ILE B 86 -5.53 8.73 -12.87
CA ILE B 86 -4.23 8.14 -13.07
C ILE B 86 -3.24 9.25 -13.35
N HIS B 87 -2.04 9.16 -12.81
CA HIS B 87 -1.08 10.21 -13.08
C HIS B 87 -0.91 10.35 -14.60
N PRO B 88 -1.11 11.57 -15.14
CA PRO B 88 -1.00 11.88 -16.57
C PRO B 88 0.30 11.37 -17.17
N ARG B 89 1.39 11.45 -16.44
CA ARG B 89 2.67 10.99 -16.98
C ARG B 89 3.13 9.64 -16.45
N TYR B 90 2.17 8.81 -16.05
CA TYR B 90 2.48 7.45 -15.66
C TYR B 90 3.14 6.70 -16.83
N ASN B 91 4.35 6.19 -16.63
CA ASN B 91 5.09 5.54 -17.71
C ASN B 91 4.96 4.01 -17.71
N TRP B 92 3.84 3.50 -18.23
CA TRP B 92 3.63 2.06 -18.27
C TRP B 92 4.43 1.38 -19.39
N ARG B 93 4.99 2.17 -20.29
CA ARG B 93 5.72 1.62 -21.43
C ARG B 93 7.08 1.12 -21.03
N GLU B 94 7.68 1.74 -20.03
CA GLU B 94 9.08 1.47 -19.78
C GLU B 94 9.41 0.91 -18.38
N ASN B 95 9.26 1.74 -17.35
CA ASN B 95 9.74 1.39 -16.01
C ASN B 95 8.73 1.64 -14.89
N LEU B 96 7.47 1.86 -15.25
CA LEU B 96 6.43 2.18 -14.25
C LEU B 96 6.73 3.48 -13.49
N ASP B 97 7.52 4.35 -14.09
CA ASP B 97 7.71 5.69 -13.51
C ASP B 97 6.36 6.37 -13.17
N ARG B 98 6.30 7.02 -12.01
CA ARG B 98 5.07 7.65 -11.54
C ARG B 98 3.89 6.68 -11.39
N ASP B 99 4.16 5.53 -10.77
CA ASP B 99 3.12 4.50 -10.60
C ASP B 99 2.13 4.89 -9.47
N ILE B 100 1.13 5.69 -9.79
CA ILE B 100 0.22 6.23 -8.79
C ILE B 100 -1.16 6.56 -9.40
N ALA B 101 -2.20 6.37 -8.60
CA ALA B 101 -3.56 6.72 -9.00
C ALA B 101 -4.31 7.11 -7.75
N LEU B 102 -5.29 8.00 -7.90
CA LEU B 102 -6.23 8.31 -6.83
C LEU B 102 -7.60 7.76 -7.20
N MET B 103 -8.36 7.36 -6.19
CA MET B 103 -9.74 6.94 -6.38
C MET B 103 -10.69 7.68 -5.44
N LYS B 104 -11.73 8.26 -6.00
CA LYS B 104 -12.72 8.99 -5.21
C LYS B 104 -13.95 8.13 -4.93
N LEU B 105 -14.25 7.87 -3.66
CA LEU B 105 -15.39 7.02 -3.31
C LEU B 105 -16.73 7.71 -3.57
N LYS B 106 -17.77 6.94 -3.82
CA LYS B 106 -19.08 7.56 -4.05
C LYS B 106 -19.59 8.34 -2.84
N LYS B 107 -19.37 7.79 -1.66
CA LYS B 107 -19.82 8.41 -0.41
C LYS B 107 -18.70 8.30 0.62
N PRO B 108 -18.64 9.24 1.57
CA PRO B 108 -17.62 9.15 2.60
C PRO B 108 -17.82 7.87 3.38
N VAL B 109 -16.75 7.34 3.96
CA VAL B 109 -16.86 6.13 4.75
C VAL B 109 -16.69 6.55 6.19
N ALA B 110 -17.45 5.90 7.08
CA ALA B 110 -17.35 6.20 8.52
C ALA B 110 -16.14 5.48 9.10
N PHE B 111 -15.33 6.24 9.83
CA PHE B 111 -14.17 5.71 10.54
C PHE B 111 -14.63 4.87 11.72
N SER B 112 -13.84 3.87 12.09
CA SER B 112 -14.14 2.99 13.23
C SER B 112 -12.83 2.51 13.84
N ASP B 113 -12.91 1.52 14.73
CA ASP B 113 -11.72 0.91 15.27
C ASP B 113 -10.86 0.24 14.18
N TYR B 114 -11.46 -0.12 13.05
CA TYR B 114 -10.78 -0.92 12.03
C TYR B 114 -10.51 -0.11 10.77
N ILE B 115 -10.94 1.14 10.77
CA ILE B 115 -10.92 1.97 9.57
C ILE B 115 -10.51 3.39 9.94
N HIS B 116 -9.39 3.84 9.37
CA HIS B 116 -8.74 5.06 9.82
C HIS B 116 -7.63 5.42 8.84
N PRO B 117 -7.58 6.70 8.44
CA PRO B 117 -6.72 7.12 7.32
C PRO B 117 -5.28 7.28 7.79
N VAL B 118 -4.35 6.98 6.89
CA VAL B 118 -2.93 7.15 7.16
C VAL B 118 -2.55 8.59 6.78
N CYS B 119 -1.52 9.17 7.38
CA CYS B 119 -1.02 10.48 6.97
C CYS B 119 -0.18 10.46 5.71
N LEU B 120 -0.26 11.53 4.93
CA LEU B 120 0.69 11.81 3.88
C LEU B 120 1.85 12.60 4.42
N PRO B 121 3.05 12.33 3.92
CA PRO B 121 4.22 13.01 4.48
C PRO B 121 4.34 14.44 3.97
N ASP B 122 4.94 15.32 4.76
CA ASP B 122 5.30 16.66 4.32
C ASP B 122 6.79 16.63 4.02
N ARG B 123 7.36 17.68 3.44
CA ARG B 123 8.78 17.68 3.09
C ARG B 123 9.76 17.31 4.23
N GLU B 124 9.51 17.78 5.44
CA GLU B 124 10.44 17.59 6.55
C GLU B 124 10.37 16.17 7.06
N THR B 125 9.16 15.64 7.18
CA THR B 125 8.96 14.26 7.54
C THR B 125 9.70 13.36 6.54
N ALA B 126 9.51 13.61 5.25
CA ALA B 126 10.15 12.79 4.23
C ALA B 126 11.66 12.86 4.36
N ALA B 127 12.17 14.07 4.60
CA ALA B 127 13.63 14.26 4.57
C ALA B 127 14.23 13.51 5.74
N SER B 128 13.48 13.47 6.83
CA SER B 128 13.96 12.87 8.05
C SER B 128 13.93 11.34 8.02
N LEU B 129 12.89 10.76 7.42
CA LEU B 129 12.65 9.33 7.55
C LEU B 129 13.13 8.52 6.35
N LEU B 130 13.20 9.17 5.21
CA LEU B 130 13.51 8.47 3.96
C LEU B 130 15.03 8.28 3.83
N GLN B 131 15.55 7.28 4.54
CA GLN B 131 16.99 7.11 4.64
C GLN B 131 17.40 5.65 4.68
N ALA B 132 18.45 5.35 3.92
CA ALA B 132 19.02 4.00 3.85
C ALA B 132 19.16 3.44 5.24
N GLY B 133 18.71 2.21 5.44
CA GLY B 133 18.79 1.61 6.76
C GLY B 133 17.53 1.78 7.61
N TYR B 134 16.85 2.90 7.48
CA TYR B 134 15.57 3.09 8.20
C TYR B 134 14.55 2.09 7.69
N LYS B 135 13.82 1.46 8.61
CA LYS B 135 12.81 0.47 8.21
C LYS B 135 11.40 1.03 8.05
N GLY B 136 10.70 0.53 7.04
CA GLY B 136 9.29 0.77 6.90
C GLY B 136 8.53 -0.55 6.93
N ARG B 137 7.21 -0.46 6.80
CA ARG B 137 6.34 -1.61 6.94
C ARG B 137 5.42 -1.72 5.71
N VAL B 138 5.32 -2.93 5.16
CA VAL B 138 4.48 -3.22 3.99
C VAL B 138 3.43 -4.27 4.37
N THR B 139 2.20 -4.09 3.92
CA THR B 139 1.09 -4.97 4.23
C THR B 139 0.33 -5.37 2.98
N GLY B 140 -0.23 -6.58 2.98
CA GLY B 140 -1.02 -7.00 1.84
C GLY B 140 -1.57 -8.41 1.96
N TRP B 141 -2.49 -8.75 1.07
CA TRP B 141 -3.07 -10.08 0.95
C TRP B 141 -2.51 -10.84 -0.24
N GLY B 142 -1.39 -10.39 -0.80
CA GLY B 142 -0.81 -11.02 -1.98
C GLY B 142 -0.08 -12.33 -1.76
N ASN B 143 0.48 -12.84 -2.86
CA ASN B 143 1.16 -14.13 -2.84
C ASN B 143 2.23 -14.26 -1.76
N LEU B 144 2.28 -15.45 -1.18
CA LEU B 144 3.24 -15.77 -0.13
C LEU B 144 4.61 -16.20 -0.69
N LYS B 145 4.63 -16.65 -1.94
CA LYS B 145 5.87 -17.12 -2.57
C LYS B 145 5.85 -16.65 -4.01
N GLU B 146 7.01 -16.54 -4.63
CA GLU B 146 7.02 -16.11 -6.03
C GLU B 146 6.21 -17.05 -6.93
N GLY B 155 -0.03 -20.78 -0.40
CA GLY B 155 0.05 -19.96 -1.65
C GLY B 155 -0.49 -18.54 -1.47
N GLN B 156 -1.70 -18.46 -0.93
CA GLN B 156 -2.28 -17.17 -0.56
C GLN B 156 -2.73 -17.19 0.89
N PRO B 157 -2.48 -16.09 1.63
CA PRO B 157 -2.61 -16.14 3.10
C PRO B 157 -4.08 -16.08 3.47
N SER B 158 -4.44 -16.52 4.65
CA SER B 158 -5.84 -16.38 5.04
C SER B 158 -6.10 -15.01 5.64
N VAL B 159 -5.10 -14.39 6.24
CA VAL B 159 -5.31 -13.03 6.77
C VAL B 159 -4.25 -12.03 6.29
N LEU B 160 -4.46 -10.74 6.56
CA LEU B 160 -3.56 -9.71 6.09
C LEU B 160 -2.14 -9.98 6.64
N GLN B 161 -1.15 -9.94 5.75
CA GLN B 161 0.25 -10.16 6.11
C GLN B 161 1.04 -8.85 6.27
N VAL B 162 2.07 -8.88 7.11
CA VAL B 162 2.89 -7.70 7.34
C VAL B 162 4.38 -8.03 7.35
N VAL B 163 5.20 -7.11 6.86
CA VAL B 163 6.65 -7.32 6.93
C VAL B 163 7.32 -5.97 7.02
N ASN B 164 8.40 -5.87 7.78
CA ASN B 164 9.17 -4.63 7.90
C ASN B 164 10.48 -4.72 7.17
N LEU B 165 10.80 -3.71 6.38
CA LEU B 165 11.95 -3.78 5.49
C LEU B 165 12.76 -2.50 5.51
N PRO B 166 14.09 -2.63 5.37
CA PRO B 166 14.97 -1.45 5.36
C PRO B 166 14.96 -0.79 3.97
N ILE B 167 15.08 0.54 3.96
CA ILE B 167 15.26 1.32 2.74
C ILE B 167 16.70 1.10 2.31
N VAL B 168 16.92 0.93 1.01
CA VAL B 168 18.26 0.63 0.51
C VAL B 168 18.85 1.83 -0.24
N GLU B 169 20.15 2.05 -0.06
CA GLU B 169 20.93 3.05 -0.79
C GLU B 169 20.64 3.02 -2.28
N ARG B 170 20.51 4.21 -2.86
CA ARG B 170 20.12 4.36 -4.25
C ARG B 170 21.07 3.65 -5.25
N PRO B 171 22.40 3.78 -5.05
CA PRO B 171 23.33 3.14 -5.98
C PRO B 171 23.16 1.63 -6.00
N VAL B 172 22.93 1.02 -4.83
CA VAL B 172 22.67 -0.41 -4.75
C VAL B 172 21.36 -0.79 -5.44
N CYS B 173 20.34 0.08 -5.37
CA CYS B 173 19.09 -0.18 -6.08
C CYS B 173 19.34 -0.19 -7.58
N LYS B 174 20.15 0.77 -8.04
CA LYS B 174 20.45 0.91 -9.46
C LYS B 174 21.22 -0.33 -9.93
N ASP B 175 22.21 -0.73 -9.15
CA ASP B 175 23.08 -1.83 -9.54
C ASP B 175 22.45 -3.21 -9.46
N SER B 176 21.18 -3.29 -9.08
CA SER B 176 20.54 -4.60 -8.97
C SER B 176 19.69 -4.98 -10.19
N THR B 177 19.52 -4.07 -11.14
CA THR B 177 18.56 -4.29 -12.21
C THR B 177 18.96 -3.58 -13.51
N ARG B 178 18.36 -4.02 -14.62
CA ARG B 178 18.55 -3.40 -15.91
C ARG B 178 17.55 -2.26 -16.12
N ILE B 179 16.49 -2.27 -15.33
CA ILE B 179 15.46 -1.24 -15.40
C ILE B 179 16.01 0.12 -15.04
N ARG B 180 15.69 1.13 -15.85
CA ARG B 180 15.97 2.51 -15.50
C ARG B 180 15.21 3.02 -14.25
N ILE B 181 15.93 3.25 -13.16
CA ILE B 181 15.37 3.82 -11.93
C ILE B 181 15.21 5.35 -12.03
N THR B 182 14.18 5.92 -11.42
CA THR B 182 14.04 7.38 -11.44
C THR B 182 13.94 7.91 -10.01
N ASP B 183 13.95 9.23 -9.88
CA ASP B 183 13.76 9.90 -8.59
C ASP B 183 12.39 9.66 -7.95
N ASN B 184 11.41 9.23 -8.74
CA ASN B 184 10.09 8.94 -8.22
C ASN B 184 9.98 7.54 -7.63
N MET B 185 11.11 6.87 -7.47
CA MET B 185 11.11 5.53 -6.94
C MET B 185 12.09 5.45 -5.82
N PHE B 186 11.88 4.52 -4.89
CA PHE B 186 12.95 4.06 -4.03
C PHE B 186 12.85 2.53 -3.97
N CYS B 187 13.90 1.87 -3.49
CA CYS B 187 13.79 0.42 -3.31
C CYS B 187 14.03 0.03 -1.85
N ALA B 188 13.50 -1.11 -1.46
CA ALA B 188 13.62 -1.55 -0.08
C ALA B 188 13.74 -3.08 -0.02
N GLY B 189 14.39 -3.59 1.01
CA GLY B 189 14.57 -5.02 1.18
C GLY B 189 15.89 -5.32 1.83
N TYR B 190 16.06 -6.53 2.34
CA TYR B 190 17.34 -6.94 2.87
C TYR B 190 18.31 -7.32 1.75
N LYS B 191 19.57 -7.02 1.96
CA LYS B 191 20.65 -7.51 1.09
C LYS B 191 20.90 -8.99 1.36
N PRO B 192 21.54 -9.68 0.41
CA PRO B 192 21.72 -11.13 0.47
C PRO B 192 22.53 -11.61 1.68
N ASP B 193 23.45 -10.80 2.19
CA ASP B 193 24.26 -11.21 3.34
C ASP B 193 23.67 -10.85 4.70
N GLU B 194 22.63 -10.04 4.72
CA GLU B 194 21.98 -9.63 5.96
C GLU B 194 21.21 -10.77 6.64
N GLY B 195 21.06 -11.90 5.95
CA GLY B 195 20.43 -13.04 6.56
C GLY B 195 19.02 -12.86 7.12
N LYS B 196 18.27 -11.90 6.59
CA LYS B 196 16.83 -11.81 6.84
C LYS B 196 16.18 -11.64 5.47
N ARG B 197 14.91 -12.00 5.32
CA ARG B 197 14.27 -11.87 4.01
C ARG B 197 12.99 -11.03 3.99
N GLY B 198 12.33 -11.03 2.85
CA GLY B 198 10.99 -10.51 2.74
C GLY B 198 10.84 -9.55 1.60
N ASP B 199 9.65 -9.53 1.03
CA ASP B 199 9.35 -8.67 -0.08
C ASP B 199 7.83 -8.64 -0.25
N ALA B 200 7.32 -7.66 -0.99
CA ALA B 200 5.96 -7.74 -1.51
C ALA B 200 5.96 -8.70 -2.71
N CYS B 201 4.80 -8.99 -3.25
CA CYS B 201 4.71 -9.88 -4.37
C CYS B 201 3.39 -9.56 -5.08
N GLU B 202 3.02 -10.42 -6.03
CA GLU B 202 1.80 -10.25 -6.79
C GLU B 202 0.61 -10.12 -5.86
N GLY B 203 -0.34 -9.23 -6.21
CA GLY B 203 -1.50 -9.00 -5.35
C GLY B 203 -1.23 -8.02 -4.21
N ASP B 204 0.04 -7.68 -3.96
CA ASP B 204 0.40 -6.64 -2.98
C ASP B 204 0.44 -5.24 -3.61
N SER B 205 0.63 -5.19 -4.93
CA SER B 205 0.65 -3.94 -5.68
C SER B 205 -0.39 -2.92 -5.15
N GLY B 206 0.03 -1.65 -5.09
CA GLY B 206 -0.83 -0.55 -4.67
C GLY B 206 -0.95 -0.42 -3.18
N GLY B 207 -0.39 -1.37 -2.44
CA GLY B 207 -0.41 -1.30 -0.97
C GLY B 207 0.54 -0.21 -0.48
N PRO B 208 0.38 0.20 0.78
CA PRO B 208 1.15 1.28 1.40
C PRO B 208 2.44 0.80 2.02
N PHE B 209 3.53 1.50 1.78
CA PHE B 209 4.76 1.32 2.54
C PHE B 209 4.75 2.44 3.61
N VAL B 210 4.72 2.07 4.88
CA VAL B 210 4.54 3.10 5.93
C VAL B 210 5.69 3.17 6.93
N MET B 211 5.94 4.36 7.47
CA MET B 211 6.89 4.50 8.56
C MET B 211 6.21 5.21 9.74
N LYS B 212 6.64 4.93 10.96
CA LYS B 212 6.11 5.65 12.11
C LYS B 212 7.10 6.74 12.52
N SER B 213 6.65 7.99 12.49
CA SER B 213 7.47 9.12 12.90
C SER B 213 7.81 9.09 14.39
N PRO B 214 9.11 9.21 14.72
CA PRO B 214 9.54 9.23 16.12
C PRO B 214 9.22 10.56 16.80
N PHE B 215 8.96 11.60 16.01
CA PHE B 215 8.73 12.94 16.53
C PHE B 215 7.29 13.16 17.02
N ASN B 216 6.31 12.52 16.37
CA ASN B 216 4.91 12.74 16.74
C ASN B 216 4.07 11.45 16.83
N ASN B 217 4.74 10.30 16.75
CA ASN B 217 4.09 8.99 16.90
C ASN B 217 3.02 8.67 15.87
N ARG B 218 3.00 9.40 14.77
CA ARG B 218 2.03 9.15 13.72
C ARG B 218 2.57 8.26 12.62
N TRP B 219 1.66 7.53 11.97
CA TRP B 219 2.00 6.73 10.80
C TRP B 219 1.92 7.50 9.48
N TYR B 220 2.97 7.40 8.69
CA TYR B 220 3.05 8.12 7.43
C TYR B 220 3.24 7.15 6.29
N GLN B 221 2.54 7.39 5.17
CA GLN B 221 2.75 6.57 4.00
C GLN B 221 3.84 7.16 3.12
N MET B 222 4.98 6.49 3.04
CA MET B 222 6.12 6.97 2.27
C MET B 222 6.13 6.41 0.86
N GLY B 223 5.65 5.18 0.70
CA GLY B 223 5.69 4.51 -0.58
C GLY B 223 4.42 3.76 -0.95
N ILE B 224 4.33 3.40 -2.22
CA ILE B 224 3.26 2.52 -2.72
C ILE B 224 3.94 1.33 -3.35
N VAL B 225 3.54 0.13 -2.98
CA VAL B 225 4.07 -1.08 -3.60
C VAL B 225 3.99 -1.01 -5.12
N SER B 226 5.12 -0.99 -5.79
CA SER B 226 5.08 -0.80 -7.23
C SER B 226 5.48 -2.06 -7.98
N TRP B 227 6.77 -2.36 -8.01
CA TRP B 227 7.26 -3.42 -8.90
C TRP B 227 8.49 -4.11 -8.38
N GLY B 228 8.78 -5.25 -8.96
CA GLY B 228 9.94 -6.05 -8.60
C GLY B 228 10.19 -7.10 -9.66
N GLU B 229 11.34 -7.75 -9.59
CA GLU B 229 11.63 -8.86 -10.47
C GLU B 229 11.48 -10.11 -9.62
N GLY B 230 10.43 -10.86 -9.88
CA GLY B 230 10.07 -11.96 -9.02
C GLY B 230 9.71 -11.39 -7.66
N CYS B 231 9.89 -12.20 -6.62
CA CYS B 231 9.57 -11.79 -5.28
C CYS B 231 10.57 -12.42 -4.36
N ASP B 232 11.29 -11.59 -3.62
CA ASP B 232 12.21 -12.06 -2.62
C ASP B 232 13.35 -12.88 -3.22
N ARG B 233 13.85 -12.47 -4.39
CA ARG B 233 15.06 -13.09 -4.93
C ARG B 233 16.23 -12.41 -4.26
N ASP B 234 17.28 -13.19 -3.96
CA ASP B 234 18.50 -12.61 -3.41
C ASP B 234 19.07 -11.64 -4.43
N GLY B 235 19.56 -10.49 -3.96
CA GLY B 235 20.19 -9.51 -4.81
C GLY B 235 19.21 -8.65 -5.58
N LYS B 236 17.92 -8.82 -5.30
CA LYS B 236 16.89 -7.97 -5.90
C LYS B 236 16.14 -7.24 -4.80
N TYR B 237 15.46 -6.18 -5.16
CA TYR B 237 14.78 -5.37 -4.18
C TYR B 237 13.40 -4.98 -4.66
N GLY B 238 12.51 -4.70 -3.71
CA GLY B 238 11.21 -4.19 -4.04
C GLY B 238 11.32 -2.71 -4.39
N PHE B 239 10.57 -2.27 -5.39
CA PHE B 239 10.49 -0.85 -5.69
C PHE B 239 9.13 -0.26 -5.31
N TYR B 240 9.18 0.98 -4.85
CA TYR B 240 8.03 1.66 -4.30
C TYR B 240 7.88 3.04 -4.95
N THR B 241 6.64 3.44 -5.23
CA THR B 241 6.42 4.80 -5.70
C THR B 241 6.74 5.78 -4.57
N HIS B 242 7.44 6.85 -4.90
CA HIS B 242 7.92 7.84 -3.91
C HIS B 242 6.80 8.83 -3.61
N VAL B 243 6.07 8.64 -2.52
CA VAL B 243 4.81 9.38 -2.39
C VAL B 243 5.02 10.91 -2.30
N PHE B 244 6.00 11.34 -1.54
CA PHE B 244 6.15 12.76 -1.34
C PHE B 244 6.56 13.48 -2.64
N ARG B 245 7.38 12.84 -3.46
CA ARG B 245 7.76 13.43 -4.73
C ARG B 245 6.55 13.71 -5.63
N LEU B 246 5.48 12.95 -5.45
CA LEU B 246 4.28 13.13 -6.25
C LEU B 246 3.18 13.85 -5.50
N LYS B 247 3.52 14.45 -4.36
CA LYS B 247 2.46 14.95 -3.50
C LYS B 247 1.74 16.15 -4.11
N LYS B 248 2.46 16.93 -4.91
CA LYS B 248 1.87 18.08 -5.58
C LYS B 248 0.72 17.61 -6.49
N TRP B 249 0.94 16.53 -7.23
CA TRP B 249 -0.08 16.02 -8.12
C TRP B 249 -1.29 15.56 -7.33
N ILE B 250 -1.02 15.00 -6.15
CA ILE B 250 -2.04 14.51 -5.24
C ILE B 250 -2.90 15.68 -4.73
N GLN B 251 -2.25 16.73 -4.24
CA GLN B 251 -2.97 17.89 -3.75
C GLN B 251 -3.77 18.56 -4.86
N LYS B 252 -3.16 18.65 -6.03
CA LYS B 252 -3.80 19.24 -7.18
C LYS B 252 -5.10 18.50 -7.46
N VAL B 253 -5.04 17.19 -7.59
CA VAL B 253 -6.22 16.42 -7.92
C VAL B 253 -7.30 16.60 -6.86
N ILE B 254 -6.90 16.59 -5.59
CA ILE B 254 -7.89 16.54 -4.52
C ILE B 254 -8.70 17.83 -4.39
N ASP B 255 -8.03 18.97 -4.28
CA ASP B 255 -8.80 20.18 -4.04
C ASP B 255 -9.37 20.80 -5.33
N GLN B 256 -9.01 20.23 -6.47
CA GLN B 256 -9.72 20.55 -7.70
C GLN B 256 -11.00 19.73 -7.88
N PHE B 257 -10.97 18.48 -7.42
CA PHE B 257 -12.11 17.57 -7.61
C PHE B 257 -12.75 17.15 -6.28
N ASP C 1 -13.65 -19.07 -4.35
CA ASP C 1 -12.69 -18.90 -3.20
C ASP C 1 -13.12 -17.79 -2.23
N PHE C 2 -13.66 -16.71 -2.79
CA PHE C 2 -14.14 -15.58 -1.99
C PHE C 2 -15.62 -15.74 -1.65
N GLU C 3 -15.95 -15.51 -0.40
CA GLU C 3 -17.33 -15.53 0.03
C GLU C 3 -18.11 -14.45 -0.72
N GLU C 4 -19.36 -14.77 -1.08
CA GLU C 4 -20.21 -13.85 -1.80
C GLU C 4 -20.42 -12.63 -0.94
N ILE C 5 -20.36 -11.46 -1.55
CA ILE C 5 -20.74 -10.25 -0.82
C ILE C 5 -22.20 -9.95 -1.09
N PRO C 6 -22.83 -9.16 -0.22
CA PRO C 6 -24.22 -8.74 -0.42
C PRO C 6 -24.47 -8.39 -1.87
N GLU C 7 -25.59 -8.88 -2.42
CA GLU C 7 -25.88 -8.72 -3.84
C GLU C 7 -25.91 -7.24 -4.25
N GLU C 8 -26.46 -6.40 -3.39
CA GLU C 8 -26.64 -5.00 -3.75
C GLU C 8 -25.36 -4.31 -4.22
N TYR C 9 -24.24 -4.65 -3.59
CA TYR C 9 -22.96 -4.04 -3.93
C TYR C 9 -22.52 -4.36 -5.37
N LEU C 10 -22.81 -5.57 -5.83
CA LEU C 10 -22.52 -5.97 -7.21
C LEU C 10 -23.44 -5.26 -8.21
N GLN C 11 -24.43 -4.53 -7.69
CA GLN C 11 -25.43 -3.85 -8.52
C GLN C 11 -24.81 -2.69 -9.32
C01 NLI D . 3.04 -4.38 -13.97
C02 NLI D . 4.29 -5.19 -13.64
C03 NLI D . 5.10 -5.64 -14.66
N04 NLI D . 6.38 -6.15 -14.51
C05 NLI D . 6.79 -6.42 -13.29
N06 NLI D . 8.13 -6.89 -13.00
C07 NLI D . 8.96 -7.27 -14.16
C08 NLI D . 10.05 -6.12 -14.46
F09 NLI D . 10.77 -5.86 -13.35
F10 NLI D . 10.95 -6.59 -15.33
C11 NLI D . 9.44 -4.78 -14.94
C12 NLI D . 8.91 -4.67 -16.23
C13 NLI D . 8.35 -3.47 -16.67
C14 NLI D . 8.30 -2.36 -15.83
C15 NLI D . 8.84 -2.47 -14.56
C16 NLI D . 9.41 -3.67 -14.11
C17 NLI D . 6.07 -5.87 -12.10
O18 NLI D . 6.49 -6.00 -10.95
N19 NLI D . 4.79 -5.26 -12.34
C20 NLI D . 4.08 -4.78 -11.14
C21 NLI D . 3.90 -5.97 -10.17
O22 NLI D . 4.12 -7.10 -10.62
N23 NLI D . 4.14 -5.70 -8.83
C24 NLI D . 3.75 -6.63 -7.75
C25 NLI D . 4.56 -6.21 -6.47
O26 NLI D . 5.87 -6.57 -6.94
N27 NLI D . 6.82 -5.90 -6.28
C28 NLI D . 7.73 -6.86 -5.58
N29 NLI D . 8.22 -7.91 -6.14
N30 NLI D . 8.24 -6.41 -4.31
#